data_6RNR
#
_entry.id   6RNR
#
_cell.length_a   91.813
_cell.length_b   91.813
_cell.length_c   141.617
_cell.angle_alpha   90.000
_cell.angle_beta   90.000
_cell.angle_gamma   90.000
#
_symmetry.space_group_name_H-M   'P 41 21 2'
#
loop_
_entity.id
_entity.type
_entity.pdbx_description
1 polymer 'Formamidopyrimidine-DNA glycosylase'
2 polymer "DNA (5'-D(*CP*TP*CP*TP*TP*TP*(3DR)P*TP*TP*TP*CP*TP*CP*G)-3')"
3 polymer "DNA (5'-D(*GP*CP*GP*AP*GP*AP*AP*AP*CP*AP*AP*AP*GP*A)-3')"
4 non-polymer 2-(trifluoromethyl)-9~{H}-purine-6-thiol
5 non-polymer GLYCEROL
6 water water
#
loop_
_entity_poly.entity_id
_entity_poly.type
_entity_poly.pdbx_seq_one_letter_code
_entity_poly.pdbx_strand_id
1 'polypeptide(L)'
;PELPEVETVRRELEKRIVGQKIISIEATYPRMVLTGFEQLKKELTGKTIQGISRRGKYLIFEIGDDFRLISHLRMEGKYR
LATLDAPREKHDHLTMKFADGQLIYADVRKFGTWELISTDQVLPYFLKKKIGPEPTYDEDFDEKLFREKLRKSTKKIKPY
LLEQTLVAGLGNIYVDEVLWLAKIHPEKETNQLIESSIHLLHDSIIEILQKAIKLGGSSIRTYSALGSTGKMQNELQVYG
KTGEKCSRCGAEIQKIKVAGRGTHFCPVCQQK
;
A
2 'polydeoxyribonucleotide' (DC)(DT)(DC)(DT)(DT)(DT)(3DR)(DT)(DT)(DT)(DC)(DT)(DC)(DG) D
3 'polydeoxyribonucleotide' (DG)(DC)(DG)(DA)(DG)(DA)(DA)(DA)(DC)(DA)(DA)(DA)(DG)(DA) E
#
# COMPACT_ATOMS: atom_id res chain seq x y z
N PRO A 1 2.61 -3.22 4.11
CA PRO A 1 2.05 -1.85 4.15
C PRO A 1 0.88 -1.61 3.18
N GLU A 2 0.07 -0.61 3.51
CA GLU A 2 -1.03 -0.17 2.65
C GLU A 2 -0.65 1.19 2.05
N LEU A 3 -1.56 1.80 1.32
CA LEU A 3 -1.21 3.02 0.60
C LEU A 3 -0.58 4.09 1.50
N PRO A 4 -1.11 4.41 2.69
CA PRO A 4 -0.49 5.48 3.50
C PRO A 4 0.95 5.20 3.90
N GLU A 5 1.28 3.94 4.20
CA GLU A 5 2.65 3.60 4.55
C GLU A 5 3.55 3.66 3.33
N VAL A 6 3.09 3.16 2.18
CA VAL A 6 3.89 3.24 0.97
C VAL A 6 4.12 4.70 0.59
N GLU A 7 3.10 5.55 0.74
CA GLU A 7 3.28 6.97 0.43
C GLU A 7 4.31 7.60 1.37
N THR A 8 4.32 7.21 2.65
CA THR A 8 5.30 7.74 3.59
C THR A 8 6.71 7.34 3.18
N VAL A 9 6.89 6.09 2.74
CA VAL A 9 8.18 5.66 2.22
C VAL A 9 8.56 6.48 0.99
N ARG A 10 7.61 6.63 0.06
CA ARG A 10 7.87 7.39 -1.16
C ARG A 10 8.39 8.78 -0.84
N ARG A 11 7.73 9.47 0.11
CA ARG A 11 8.10 10.84 0.43
C ARG A 11 9.49 10.92 1.04
N GLU A 12 9.84 9.98 1.92
CA GLU A 12 11.17 10.02 2.51
CA GLU A 12 11.17 9.99 2.53
C GLU A 12 12.24 9.67 1.47
N LEU A 13 12.00 8.66 0.64
CA LEU A 13 12.96 8.35 -0.42
C LEU A 13 13.14 9.53 -1.36
N GLU A 14 12.04 10.19 -1.74
CA GLU A 14 12.13 11.32 -2.65
C GLU A 14 13.02 12.41 -2.09
N LYS A 15 12.96 12.62 -0.77
CA LYS A 15 13.79 13.65 -0.14
C LYS A 15 15.27 13.28 -0.18
N ARG A 16 15.59 11.98 -0.20
CA ARG A 16 16.95 11.56 0.10
C ARG A 16 17.73 10.94 -1.05
N ILE A 17 17.12 10.19 -1.96
CA ILE A 17 17.89 9.51 -3.01
C ILE A 17 17.71 10.12 -4.40
N VAL A 18 16.82 11.08 -4.58
CA VAL A 18 16.69 11.71 -5.89
C VAL A 18 17.98 12.45 -6.22
N GLY A 19 18.47 12.26 -7.44
CA GLY A 19 19.75 12.80 -7.82
C GLY A 19 20.93 11.88 -7.61
N GLN A 20 20.74 10.76 -6.92
CA GLN A 20 21.86 9.88 -6.61
C GLN A 20 22.14 8.93 -7.77
N LYS A 21 23.43 8.79 -8.11
CA LYS A 21 23.86 7.80 -9.08
C LYS A 21 24.03 6.44 -8.41
N ILE A 22 23.47 5.40 -9.03
CA ILE A 22 23.63 4.03 -8.54
C ILE A 22 25.03 3.54 -8.92
N ILE A 23 25.84 3.22 -7.90
CA ILE A 23 27.19 2.72 -8.16
C ILE A 23 27.17 1.21 -8.40
N SER A 24 26.39 0.47 -7.62
CA SER A 24 26.30 -0.97 -7.84
C SER A 24 25.00 -1.46 -7.22
N ILE A 25 24.61 -2.67 -7.61
CA ILE A 25 23.41 -3.32 -7.10
C ILE A 25 23.76 -4.76 -6.77
N GLU A 26 23.42 -5.20 -5.55
CA GLU A 26 23.75 -6.55 -5.09
C GLU A 26 22.51 -7.23 -4.56
N ALA A 27 22.45 -8.55 -4.72
CA ALA A 27 21.29 -9.32 -4.29
C ALA A 27 21.75 -10.57 -3.55
N THR A 28 21.18 -10.84 -2.37
CA THR A 28 21.27 -12.18 -1.81
C THR A 28 20.03 -13.01 -2.09
N TYR A 29 18.94 -12.37 -2.54
CA TYR A 29 17.72 -13.07 -2.94
C TYR A 29 17.29 -12.57 -4.32
N PRO A 30 18.04 -12.90 -5.36
CA PRO A 30 17.68 -12.38 -6.71
C PRO A 30 16.34 -12.83 -7.21
N ARG A 31 15.78 -13.92 -6.68
CA ARG A 31 14.47 -14.40 -7.14
C ARG A 31 13.35 -13.39 -6.92
N MET A 32 13.53 -12.38 -6.05
CA MET A 32 12.45 -11.38 -5.92
C MET A 32 12.45 -10.35 -7.05
N VAL A 33 13.45 -10.38 -7.93
CA VAL A 33 13.51 -9.49 -9.08
C VAL A 33 12.84 -10.25 -10.22
N LEU A 34 11.52 -10.07 -10.36
CA LEU A 34 10.73 -10.93 -11.24
C LEU A 34 11.12 -10.80 -12.71
N THR A 35 11.67 -9.65 -13.10
CA THR A 35 12.08 -9.47 -14.49
C THR A 35 13.50 -9.94 -14.76
N GLY A 36 14.24 -10.35 -13.72
CA GLY A 36 15.58 -10.87 -13.93
C GLY A 36 16.63 -10.02 -13.26
N PHE A 37 17.34 -10.57 -12.27
CA PHE A 37 18.27 -9.72 -11.55
C PHE A 37 19.44 -9.27 -12.43
N GLU A 38 20.01 -10.19 -13.23
CA GLU A 38 21.16 -9.83 -14.04
C GLU A 38 20.80 -8.71 -15.02
N GLN A 39 19.61 -8.79 -15.62
CA GLN A 39 19.15 -7.72 -16.51
C GLN A 39 19.00 -6.40 -15.74
N LEU A 40 18.40 -6.44 -14.55
CA LEU A 40 18.22 -5.22 -13.78
C LEU A 40 19.56 -4.60 -13.38
N LYS A 41 20.50 -5.44 -12.93
CA LYS A 41 21.82 -4.93 -12.56
C LYS A 41 22.51 -4.28 -13.75
N LYS A 42 22.41 -4.90 -14.93
CA LYS A 42 23.04 -4.35 -16.11
C LYS A 42 22.42 -3.02 -16.53
N GLU A 43 21.10 -2.92 -16.50
CA GLU A 43 20.43 -1.73 -17.01
C GLU A 43 20.56 -0.55 -16.05
N LEU A 44 20.54 -0.80 -14.74
CA LEU A 44 20.41 0.31 -13.80
C LEU A 44 21.73 0.77 -13.19
N THR A 45 22.78 -0.06 -13.21
CA THR A 45 24.06 0.35 -12.66
C THR A 45 24.61 1.56 -13.42
N GLY A 46 24.98 2.61 -12.68
CA GLY A 46 25.47 3.82 -13.29
C GLY A 46 24.40 4.83 -13.66
N LYS A 47 23.13 4.50 -13.47
CA LYS A 47 22.03 5.42 -13.73
C LYS A 47 21.73 6.26 -12.50
N THR A 48 21.11 7.40 -12.73
CA THR A 48 20.74 8.34 -11.67
C THR A 48 19.25 8.29 -11.40
N ILE A 49 18.89 8.28 -10.12
CA ILE A 49 17.48 8.27 -9.73
C ILE A 49 16.90 9.65 -9.99
N GLN A 50 15.85 9.72 -10.81
CA GLN A 50 15.22 10.97 -11.18
C GLN A 50 14.01 11.31 -10.31
N GLY A 51 13.42 10.32 -9.64
CA GLY A 51 12.19 10.57 -8.89
C GLY A 51 11.62 9.27 -8.37
N ILE A 52 10.65 9.40 -7.47
CA ILE A 52 9.96 8.26 -6.86
C ILE A 52 8.47 8.56 -6.89
N SER A 53 7.71 7.71 -7.56
CA SER A 53 6.26 7.86 -7.67
C SER A 53 5.60 6.68 -6.97
N ARG A 54 4.26 6.73 -6.93
CA ARG A 54 3.49 5.65 -6.31
C ARG A 54 2.20 5.46 -7.11
N ARG A 55 1.73 4.21 -7.18
CA ARG A 55 0.40 3.93 -7.71
C ARG A 55 -0.17 2.85 -6.82
N GLY A 56 -1.30 3.12 -6.17
CA GLY A 56 -1.81 2.15 -5.20
C GLY A 56 -0.76 1.86 -4.15
N LYS A 57 -0.51 0.57 -3.88
CA LYS A 57 0.54 0.19 -2.96
C LYS A 57 1.89 -0.02 -3.65
N TYR A 58 2.02 0.33 -4.92
CA TYR A 58 3.27 0.10 -5.66
C TYR A 58 4.14 1.33 -5.62
N LEU A 59 5.41 1.13 -5.31
CA LEU A 59 6.44 2.15 -5.40
C LEU A 59 7.05 2.13 -6.80
N ILE A 60 7.30 3.30 -7.38
CA ILE A 60 7.84 3.39 -8.74
C ILE A 60 9.11 4.25 -8.72
N PHE A 61 10.26 3.62 -8.83
CA PHE A 61 11.52 4.36 -8.94
C PHE A 61 11.73 4.78 -10.39
N GLU A 62 11.96 6.08 -10.61
CA GLU A 62 12.26 6.61 -11.94
C GLU A 62 13.78 6.72 -12.07
N ILE A 63 14.37 5.84 -12.87
CA ILE A 63 15.82 5.65 -12.88
C ILE A 63 16.29 5.78 -14.32
N GLY A 64 16.90 6.92 -14.66
CA GLY A 64 17.15 7.26 -16.05
C GLY A 64 15.85 7.57 -16.76
N ASP A 65 15.92 8.02 -18.02
CA ASP A 65 14.72 8.43 -18.73
C ASP A 65 13.83 7.25 -19.09
N ASP A 66 14.42 6.07 -19.32
CA ASP A 66 13.72 5.00 -20.02
C ASP A 66 13.35 3.81 -19.14
N PHE A 67 13.71 3.80 -17.85
CA PHE A 67 13.36 2.68 -17.00
C PHE A 67 12.65 3.13 -15.73
N ARG A 68 11.76 2.25 -15.26
CA ARG A 68 11.13 2.38 -13.96
C ARG A 68 11.26 1.06 -13.23
N LEU A 69 11.58 1.14 -11.96
CA LEU A 69 11.66 -0.03 -11.10
C LEU A 69 10.39 -0.04 -10.25
N ILE A 70 9.53 -1.02 -10.49
CA ILE A 70 8.27 -1.12 -9.77
C ILE A 70 8.48 -2.07 -8.61
N SER A 71 8.31 -1.55 -7.39
CA SER A 71 8.59 -2.28 -6.15
C SER A 71 7.31 -2.43 -5.37
N HIS A 72 7.02 -3.65 -4.91
CA HIS A 72 5.87 -3.90 -4.05
C HIS A 72 6.42 -4.51 -2.77
N LEU A 73 6.00 -3.97 -1.64
CA LEU A 73 6.49 -4.42 -0.35
C LEU A 73 5.64 -5.54 0.26
N ARG A 74 4.50 -5.84 -0.36
CA ARG A 74 3.62 -6.92 0.07
C ARG A 74 3.32 -6.84 1.57
N MET A 75 3.59 -7.90 2.33
CA MET A 75 3.14 -7.92 3.72
C MET A 75 4.14 -7.30 4.70
N GLU A 76 5.45 -7.43 4.46
CA GLU A 76 6.42 -7.03 5.48
C GLU A 76 7.67 -6.36 4.92
N GLY A 77 7.68 -5.97 3.66
CA GLY A 77 8.88 -5.36 3.09
C GLY A 77 9.21 -4.04 3.78
N LYS A 78 10.51 -3.77 3.89
CA LYS A 78 10.99 -2.57 4.56
C LYS A 78 12.24 -2.07 3.85
N TYR A 79 12.33 -0.76 3.67
CA TYR A 79 13.51 -0.11 3.11
C TYR A 79 14.25 0.65 4.21
N ARG A 80 15.57 0.69 4.13
CA ARG A 80 16.33 1.56 5.00
C ARG A 80 17.54 2.13 4.25
N LEU A 81 17.94 3.34 4.64
CA LEU A 81 19.16 3.97 4.13
C LEU A 81 20.26 3.74 5.15
N ALA A 82 21.35 3.13 4.72
CA ALA A 82 22.42 2.73 5.62
C ALA A 82 23.77 3.20 5.10
N THR A 83 24.75 3.32 6.00
CA THR A 83 26.11 3.59 5.58
C THR A 83 26.64 2.43 4.74
N LEU A 84 27.71 2.69 3.98
CA LEU A 84 28.26 1.66 3.12
C LEU A 84 28.87 0.50 3.90
N ASP A 85 29.29 0.74 5.14
CA ASP A 85 29.85 -0.33 5.97
C ASP A 85 28.81 -0.98 6.88
N ALA A 86 27.53 -0.73 6.66
CA ALA A 86 26.51 -1.31 7.53
C ALA A 86 26.55 -2.83 7.45
N PRO A 87 26.47 -3.53 8.58
CA PRO A 87 26.46 -4.99 8.54
C PRO A 87 25.19 -5.53 7.92
N ARG A 88 25.31 -6.72 7.34
CA ARG A 88 24.15 -7.41 6.78
CA ARG A 88 24.17 -7.41 6.77
C ARG A 88 23.26 -7.93 7.89
N GLU A 89 21.95 -7.76 7.71
CA GLU A 89 20.96 -8.28 8.64
C GLU A 89 20.24 -9.46 7.98
N LYS A 90 19.63 -10.32 8.81
CA LYS A 90 19.27 -11.67 8.36
C LYS A 90 18.32 -11.63 7.16
N HIS A 91 17.40 -10.68 7.11
CA HIS A 91 16.39 -10.71 6.06
C HIS A 91 16.59 -9.62 5.00
N ASP A 92 17.80 -9.08 4.90
CA ASP A 92 18.16 -8.20 3.79
C ASP A 92 18.30 -9.02 2.52
N HIS A 93 17.71 -8.53 1.41
CA HIS A 93 17.71 -9.26 0.16
C HIS A 93 18.40 -8.52 -0.98
N LEU A 94 18.32 -7.19 -1.03
CA LEU A 94 18.80 -6.41 -2.17
C LEU A 94 19.40 -5.12 -1.65
N THR A 95 20.41 -4.60 -2.36
CA THR A 95 20.92 -3.30 -2.00
C THR A 95 21.33 -2.52 -3.24
N MET A 96 21.00 -1.24 -3.22
CA MET A 96 21.37 -0.23 -4.19
C MET A 96 22.43 0.64 -3.54
N LYS A 97 23.67 0.52 -4.00
CA LYS A 97 24.78 1.23 -3.38
C LYS A 97 25.03 2.55 -4.10
N PHE A 98 25.03 3.64 -3.34
CA PHE A 98 25.41 4.95 -3.81
C PHE A 98 26.84 5.25 -3.36
N ALA A 99 27.30 6.47 -3.65
CA ALA A 99 28.66 6.83 -3.26
C ALA A 99 28.77 7.06 -1.76
N ASP A 100 27.69 7.47 -1.09
CA ASP A 100 27.75 7.86 0.31
C ASP A 100 26.73 7.12 1.17
N GLY A 101 26.24 5.99 0.72
CA GLY A 101 25.21 5.26 1.44
C GLY A 101 24.60 4.20 0.53
N GLN A 102 23.68 3.45 1.10
CA GLN A 102 23.04 2.39 0.33
C GLN A 102 21.59 2.25 0.78
N LEU A 103 20.73 1.88 -0.17
CA LEU A 103 19.33 1.60 0.09
C LEU A 103 19.15 0.09 0.14
N ILE A 104 18.74 -0.43 1.31
CA ILE A 104 18.65 -1.87 1.52
C ILE A 104 17.19 -2.27 1.61
N TYR A 105 16.81 -3.33 0.89
CA TYR A 105 15.47 -3.90 0.98
C TYR A 105 15.51 -5.20 1.79
N ALA A 106 14.67 -5.25 2.83
CA ALA A 106 14.52 -6.43 3.67
C ALA A 106 13.05 -6.85 3.68
N ASP A 107 12.82 -8.18 3.83
CA ASP A 107 11.47 -8.71 3.79
C ASP A 107 11.48 -10.10 4.43
N VAL A 108 11.03 -10.20 5.68
CA VAL A 108 11.06 -11.48 6.39
C VAL A 108 10.40 -12.58 5.56
N ARG A 109 9.23 -12.29 5.00
CA ARG A 109 8.47 -13.34 4.34
C ARG A 109 8.85 -13.53 2.88
N LYS A 110 9.73 -12.68 2.33
CA LYS A 110 10.19 -12.81 0.95
C LYS A 110 9.05 -12.67 -0.05
N PHE A 111 7.99 -11.93 0.31
CA PHE A 111 6.89 -11.74 -0.65
C PHE A 111 7.13 -10.58 -1.60
N GLY A 112 7.84 -9.54 -1.15
CA GLY A 112 7.96 -8.33 -1.95
C GLY A 112 8.67 -8.58 -3.26
N THR A 113 8.42 -7.70 -4.24
CA THR A 113 8.91 -7.93 -5.60
C THR A 113 9.49 -6.65 -6.19
N TRP A 114 10.42 -6.84 -7.13
CA TRP A 114 10.96 -5.80 -7.98
C TRP A 114 10.70 -6.19 -9.42
N GLU A 115 10.31 -5.21 -10.24
CA GLU A 115 10.10 -5.43 -11.66
C GLU A 115 10.67 -4.24 -12.41
N LEU A 116 11.59 -4.51 -13.34
CA LEU A 116 12.15 -3.49 -14.21
C LEU A 116 11.27 -3.39 -15.46
N ILE A 117 10.72 -2.21 -15.73
CA ILE A 117 9.90 -2.05 -16.93
C ILE A 117 10.22 -0.70 -17.58
N SER A 118 10.02 -0.63 -18.89
CA SER A 118 10.39 0.61 -19.56
C SER A 118 9.33 1.68 -19.32
N THR A 119 9.75 2.94 -19.46
CA THR A 119 8.89 4.07 -19.12
C THR A 119 7.54 3.98 -19.84
N ASP A 120 7.54 3.71 -21.15
CA ASP A 120 6.25 3.73 -21.85
C ASP A 120 5.41 2.50 -21.56
N GLN A 121 5.90 1.58 -20.71
CA GLN A 121 5.14 0.41 -20.31
C GLN A 121 4.56 0.53 -18.90
N VAL A 122 4.79 1.63 -18.19
CA VAL A 122 4.24 1.78 -16.83
C VAL A 122 2.73 1.85 -16.85
N LEU A 123 2.15 2.74 -17.66
CA LEU A 123 0.69 2.80 -17.66
C LEU A 123 0.06 1.48 -18.10
N PRO A 124 0.51 0.81 -19.17
CA PRO A 124 -0.02 -0.53 -19.48
C PRO A 124 0.14 -1.55 -18.35
N TYR A 125 1.25 -1.48 -17.61
CA TYR A 125 1.44 -2.39 -16.48
C TYR A 125 0.27 -2.31 -15.50
N PHE A 126 -0.14 -1.09 -15.16
CA PHE A 126 -1.23 -0.94 -14.20
C PHE A 126 -2.60 -1.15 -14.81
N LEU A 127 -2.77 -0.83 -16.10
CA LEU A 127 -4.01 -1.19 -16.79
C LEU A 127 -4.21 -2.71 -16.78
N LYS A 128 -3.16 -3.47 -17.03
CA LYS A 128 -3.29 -4.93 -17.07
C LYS A 128 -3.71 -5.50 -15.73
N LYS A 129 -3.30 -4.86 -14.64
CA LYS A 129 -3.70 -5.27 -13.30
C LYS A 129 -5.05 -4.71 -12.87
N LYS A 130 -5.67 -3.88 -13.71
CA LYS A 130 -7.00 -3.34 -13.45
C LYS A 130 -7.06 -2.54 -12.15
N ILE A 131 -5.94 -1.88 -11.78
CA ILE A 131 -5.92 -1.08 -10.56
C ILE A 131 -6.91 0.07 -10.69
N GLY A 132 -7.73 0.27 -9.66
CA GLY A 132 -8.71 1.33 -9.64
C GLY A 132 -8.11 2.71 -9.39
N PRO A 133 -8.96 3.72 -9.26
CA PRO A 133 -8.46 5.10 -9.14
C PRO A 133 -7.76 5.32 -7.81
N GLU A 134 -6.88 6.33 -7.79
CA GLU A 134 -6.29 6.77 -6.53
C GLU A 134 -7.39 7.34 -5.63
N PRO A 135 -7.29 7.15 -4.26
CA PRO A 135 -8.34 7.60 -3.30
C PRO A 135 -8.26 9.09 -3.01
N THR A 136 -8.60 9.90 -4.02
CA THR A 136 -8.65 11.34 -3.89
C THR A 136 -9.97 11.85 -4.47
N TYR A 137 -10.39 13.02 -4.02
CA TYR A 137 -11.62 13.61 -4.56
C TYR A 137 -11.52 13.78 -6.07
N GLU A 139 -10.34 14.14 -6.58
CA GLU A 139 -10.19 14.41 -8.01
C GLU A 139 -10.23 13.12 -8.84
N ASP A 140 -9.70 12.02 -8.32
CA ASP A 140 -9.57 10.82 -9.12
C ASP A 140 -10.64 9.78 -8.86
N PHE A 141 -11.22 9.74 -7.65
CA PHE A 141 -12.12 8.67 -7.23
C PHE A 141 -13.54 9.16 -7.49
N ASP A 142 -14.11 8.76 -8.63
CA ASP A 142 -15.42 9.25 -9.05
C ASP A 142 -16.52 8.42 -8.39
N GLU A 143 -17.35 9.07 -7.58
CA GLU A 143 -18.42 8.36 -6.89
C GLU A 143 -19.44 7.76 -7.86
N LYS A 144 -19.67 8.38 -9.01
CA LYS A 144 -20.72 7.89 -9.91
C LYS A 144 -20.35 6.52 -10.48
N LEU A 145 -19.11 6.35 -10.94
CA LEU A 145 -18.66 5.04 -11.42
C LEU A 145 -18.59 4.02 -10.29
N PHE A 146 -18.07 4.43 -9.13
CA PHE A 146 -18.07 3.59 -7.94
C PHE A 146 -19.47 3.02 -7.68
N ARG A 147 -20.47 3.90 -7.66
CA ARG A 147 -21.84 3.47 -7.40
C ARG A 147 -22.34 2.46 -8.43
N GLU A 148 -22.03 2.68 -9.72
CA GLU A 148 -22.46 1.75 -10.76
C GLU A 148 -21.81 0.38 -10.59
N LYS A 149 -20.54 0.35 -10.21
CA LYS A 149 -19.88 -0.94 -10.06
C LYS A 149 -20.42 -1.72 -8.87
N LEU A 150 -20.73 -1.02 -7.77
CA LEU A 150 -21.33 -1.69 -6.62
C LEU A 150 -22.72 -2.22 -6.95
N ARG A 151 -23.47 -1.48 -7.77
CA ARG A 151 -24.81 -1.92 -8.14
C ARG A 151 -24.77 -3.21 -8.96
N LYS A 152 -23.75 -3.38 -9.81
CA LYS A 152 -23.76 -4.51 -10.74
C LYS A 152 -23.13 -5.77 -10.15
N SER A 153 -22.63 -5.72 -8.92
CA SER A 153 -21.89 -6.83 -8.35
C SER A 153 -22.68 -7.50 -7.22
N THR A 154 -22.44 -8.80 -7.05
CA THR A 154 -22.98 -9.56 -5.93
C THR A 154 -21.93 -9.85 -4.87
N LYS A 155 -20.73 -9.29 -5.01
CA LYS A 155 -19.67 -9.51 -4.05
C LYS A 155 -19.98 -8.83 -2.71
N LYS A 156 -19.33 -9.33 -1.66
CA LYS A 156 -19.31 -8.67 -0.36
C LYS A 156 -18.40 -7.45 -0.42
N ILE A 157 -18.79 -6.39 0.32
CA ILE A 157 -18.10 -5.09 0.20
C ILE A 157 -16.63 -5.18 0.63
N LYS A 158 -16.30 -5.89 1.72
CA LYS A 158 -14.89 -5.89 2.13
C LYS A 158 -14.00 -6.61 1.12
N PRO A 159 -14.29 -7.83 0.68
CA PRO A 159 -13.47 -8.44 -0.38
C PRO A 159 -13.39 -7.60 -1.62
N TYR A 160 -14.50 -7.00 -2.05
CA TYR A 160 -14.46 -6.21 -3.29
C TYR A 160 -13.54 -5.00 -3.14
N LEU A 161 -13.62 -4.30 -2.00
CA LEU A 161 -12.71 -3.17 -1.79
C LEU A 161 -11.24 -3.63 -1.77
N LEU A 162 -10.97 -4.81 -1.20
CA LEU A 162 -9.58 -5.27 -1.12
C LEU A 162 -9.00 -5.66 -2.49
N GLU A 163 -9.86 -5.91 -3.49
CA GLU A 163 -9.36 -6.33 -4.80
C GLU A 163 -8.64 -5.21 -5.56
N GLN A 164 -8.65 -3.98 -5.07
CA GLN A 164 -7.93 -2.83 -5.65
C GLN A 164 -8.58 -2.29 -6.92
N THR A 165 -9.69 -2.87 -7.38
CA THR A 165 -10.27 -2.46 -8.65
C THR A 165 -11.30 -1.34 -8.54
N LEU A 166 -11.95 -1.20 -7.38
CA LEU A 166 -12.89 -0.09 -7.19
C LEU A 166 -12.16 1.20 -6.86
N VAL A 167 -11.04 1.08 -6.16
CA VAL A 167 -10.22 2.19 -5.69
C VAL A 167 -8.93 1.55 -5.22
N ALA A 168 -7.80 2.21 -5.42
CA ALA A 168 -6.51 1.60 -5.11
C ALA A 168 -6.08 1.96 -3.69
N GLY A 169 -5.47 0.99 -3.00
CA GLY A 169 -4.64 1.28 -1.84
C GLY A 169 -5.17 0.80 -0.51
N LEU A 170 -6.39 0.28 -0.45
CA LEU A 170 -6.92 -0.25 0.80
C LEU A 170 -6.36 -1.63 1.07
N GLY A 171 -5.88 -1.84 2.29
CA GLY A 171 -5.56 -3.18 2.76
C GLY A 171 -6.38 -3.52 3.99
N ASN A 172 -5.97 -4.55 4.74
CA ASN A 172 -6.82 -5.09 5.78
C ASN A 172 -7.08 -4.06 6.89
N ILE A 173 -6.07 -3.25 7.24
CA ILE A 173 -6.27 -2.29 8.33
C ILE A 173 -7.27 -1.22 7.93
N TYR A 174 -7.02 -0.54 6.80
CA TYR A 174 -7.86 0.60 6.48
C TYR A 174 -9.22 0.22 5.94
N VAL A 175 -9.38 -0.98 5.36
CA VAL A 175 -10.73 -1.35 4.96
C VAL A 175 -11.60 -1.57 6.20
N ASP A 176 -11.05 -2.17 7.26
CA ASP A 176 -11.81 -2.31 8.49
C ASP A 176 -12.15 -0.94 9.09
N GLU A 177 -11.18 -0.03 9.09
CA GLU A 177 -11.43 1.32 9.61
C GLU A 177 -12.47 2.05 8.77
N VAL A 178 -12.43 1.86 7.45
CA VAL A 178 -13.34 2.54 6.55
C VAL A 178 -14.78 2.03 6.74
N LEU A 179 -14.96 0.71 6.82
CA LEU A 179 -16.31 0.18 6.97
C LEU A 179 -16.89 0.53 8.33
N TRP A 180 -16.05 0.64 9.37
CA TRP A 180 -16.57 1.09 10.66
C TRP A 180 -17.04 2.53 10.57
N LEU A 181 -16.22 3.39 9.96
CA LEU A 181 -16.57 4.79 9.84
C LEU A 181 -17.81 4.98 8.97
N ALA A 182 -17.97 4.15 7.94
CA ALA A 182 -19.13 4.25 7.05
C ALA A 182 -20.33 3.44 7.53
N LYS A 183 -20.22 2.77 8.68
CA LYS A 183 -21.33 2.02 9.29
C LYS A 183 -21.87 0.94 8.34
N ILE A 184 -20.96 0.19 7.73
CA ILE A 184 -21.31 -0.86 6.78
C ILE A 184 -20.72 -2.19 7.25
N HIS A 185 -21.54 -3.24 7.18
CA HIS A 185 -21.09 -4.58 7.54
C HIS A 185 -20.09 -5.09 6.49
N PRO A 186 -18.96 -5.69 6.90
CA PRO A 186 -17.99 -6.17 5.90
C PRO A 186 -18.53 -7.21 4.95
N GLU A 187 -19.57 -7.95 5.31
CA GLU A 187 -20.17 -8.93 4.41
C GLU A 187 -21.40 -8.41 3.69
N LYS A 188 -21.64 -7.11 3.74
CA LYS A 188 -22.78 -6.54 3.01
C LYS A 188 -22.58 -6.75 1.52
N GLU A 189 -23.61 -7.26 0.85
CA GLU A 189 -23.52 -7.41 -0.60
C GLU A 189 -23.63 -6.05 -1.28
N THR A 190 -22.69 -5.75 -2.18
CA THR A 190 -22.59 -4.37 -2.65
C THR A 190 -23.85 -3.93 -3.39
N ASN A 191 -24.54 -4.84 -4.07
CA ASN A 191 -25.72 -4.40 -4.79
C ASN A 191 -26.89 -4.11 -3.86
N GLN A 192 -26.74 -4.28 -2.55
CA GLN A 192 -27.76 -3.84 -1.61
C GLN A 192 -27.45 -2.50 -0.97
N LEU A 193 -26.27 -1.93 -1.22
CA LEU A 193 -25.96 -0.60 -0.68
C LEU A 193 -26.84 0.46 -1.34
N ILE A 194 -27.34 1.39 -0.53
CA ILE A 194 -28.12 2.49 -1.08
C ILE A 194 -27.20 3.69 -1.33
N GLU A 195 -27.72 4.67 -2.08
CA GLU A 195 -26.89 5.77 -2.58
C GLU A 195 -26.24 6.55 -1.44
N SER A 196 -27.00 6.81 -0.37
CA SER A 196 -26.45 7.56 0.76
C SER A 196 -25.35 6.78 1.49
N SER A 197 -25.48 5.45 1.59
CA SER A 197 -24.40 4.64 2.15
C SER A 197 -23.17 4.70 1.27
N ILE A 198 -23.36 4.58 -0.05
CA ILE A 198 -22.23 4.58 -0.97
C ILE A 198 -21.53 5.94 -0.94
N HIS A 199 -22.31 7.02 -0.82
CA HIS A 199 -21.71 8.33 -0.69
C HIS A 199 -20.82 8.41 0.54
N LEU A 200 -21.32 7.93 1.69
CA LEU A 200 -20.54 7.97 2.92
C LEU A 200 -19.30 7.07 2.81
N LEU A 201 -19.45 5.89 2.20
CA LEU A 201 -18.30 5.00 2.00
C LEU A 201 -17.23 5.68 1.16
N HIS A 202 -17.65 6.29 0.04
CA HIS A 202 -16.72 6.99 -0.84
C HIS A 202 -15.93 8.06 -0.09
N ASP A 203 -16.65 8.95 0.61
CA ASP A 203 -15.98 10.01 1.37
C ASP A 203 -15.10 9.43 2.46
N SER A 204 -15.56 8.37 3.13
CA SER A 204 -14.80 7.79 4.23
C SER A 204 -13.48 7.18 3.75
N ILE A 205 -13.51 6.52 2.58
CA ILE A 205 -12.27 5.98 2.01
C ILE A 205 -11.24 7.09 1.82
N ILE A 206 -11.67 8.19 1.19
CA ILE A 206 -10.73 9.29 0.93
C ILE A 206 -10.23 9.88 2.25
N GLU A 207 -11.14 10.13 3.19
CA GLU A 207 -10.76 10.81 4.43
C GLU A 207 -9.81 9.97 5.29
N ILE A 208 -10.09 8.68 5.46
CA ILE A 208 -9.25 7.82 6.31
C ILE A 208 -7.84 7.71 5.71
N LEU A 209 -7.75 7.51 4.39
CA LEU A 209 -6.44 7.33 3.78
C LEU A 209 -5.65 8.64 3.78
N GLN A 210 -6.32 9.77 3.55
CA GLN A 210 -5.61 11.05 3.56
C GLN A 210 -5.15 11.40 4.96
N LYS A 211 -5.98 11.15 5.97
CA LYS A 211 -5.55 11.36 7.36
C LYS A 211 -4.36 10.46 7.70
N ALA A 212 -4.43 9.19 7.27
CA ALA A 212 -3.34 8.25 7.54
C ALA A 212 -2.03 8.72 6.92
N ILE A 213 -2.10 9.23 5.68
CA ILE A 213 -0.92 9.79 5.03
C ILE A 213 -0.38 10.96 5.84
N LYS A 214 -1.27 11.86 6.29
CA LYS A 214 -0.83 13.03 7.04
C LYS A 214 -0.12 12.62 8.33
N LEU A 215 -0.56 11.53 8.95
CA LEU A 215 0.03 11.06 10.19
C LEU A 215 1.18 10.09 9.98
N GLY A 216 1.63 9.91 8.74
CA GLY A 216 2.78 9.06 8.48
C GLY A 216 2.54 7.57 8.53
N GLY A 217 1.28 7.12 8.35
CA GLY A 217 0.97 5.70 8.35
C GLY A 217 0.90 5.09 9.74
N SER A 218 0.58 3.78 9.75
CA SER A 218 0.52 3.00 10.98
C SER A 218 1.79 2.17 11.13
N SER A 219 2.31 2.12 12.35
CA SER A 219 3.53 1.34 12.62
C SER A 219 3.36 0.40 13.80
N ALA A 225 14.16 1.54 9.82
CA ALA A 225 13.53 1.51 8.50
C ALA A 225 12.73 2.78 8.20
N LEU A 226 12.58 3.09 6.93
CA LEU A 226 11.82 4.25 6.50
C LEU A 226 10.32 4.02 6.75
N GLY A 227 9.63 5.10 7.11
CA GLY A 227 8.21 5.03 7.39
C GLY A 227 7.83 4.41 8.73
N SER A 228 8.81 4.12 9.58
CA SER A 228 8.56 3.46 10.85
C SER A 228 8.16 4.43 11.97
N THR A 229 7.96 5.71 11.66
CA THR A 229 7.66 6.74 12.66
C THR A 229 6.22 7.26 12.54
N GLY A 230 5.31 6.43 12.04
CA GLY A 230 3.94 6.86 11.86
C GLY A 230 3.20 7.00 13.19
N LYS A 231 2.07 7.70 13.10
CA LYS A 231 1.22 7.93 14.25
C LYS A 231 -0.23 7.55 14.00
N MET A 232 -0.55 7.01 12.82
CA MET A 232 -1.92 6.63 12.52
C MET A 232 -2.41 5.49 13.41
N GLN A 233 -1.49 4.66 13.94
CA GLN A 233 -1.91 3.52 14.77
C GLN A 233 -2.66 3.98 16.00
N ASN A 234 -2.35 5.18 16.52
CA ASN A 234 -3.05 5.72 17.66
C ASN A 234 -4.49 6.14 17.35
N GLU A 235 -4.84 6.22 16.07
CA GLU A 235 -6.17 6.66 15.65
C GLU A 235 -7.04 5.51 15.16
N LEU A 236 -6.51 4.28 15.10
CA LEU A 236 -7.32 3.13 14.69
C LEU A 236 -8.45 2.91 15.69
N GLN A 237 -9.65 2.63 15.17
CA GLN A 237 -10.84 2.43 15.99
C GLN A 237 -11.23 0.98 16.16
N VAL A 238 -10.95 0.12 15.18
CA VAL A 238 -11.42 -1.27 15.25
C VAL A 238 -10.30 -2.27 14.97
N TYR A 239 -9.39 -1.95 14.04
CA TYR A 239 -8.41 -2.96 13.62
C TYR A 239 -7.51 -3.36 14.78
N GLY A 240 -7.39 -4.67 15.01
CA GLY A 240 -6.60 -5.19 16.10
C GLY A 240 -7.10 -4.87 17.49
N LYS A 241 -8.36 -4.43 17.63
CA LYS A 241 -8.89 -4.02 18.93
C LYS A 241 -9.95 -4.99 19.45
N THR A 242 -9.83 -6.27 19.08
CA THR A 242 -10.81 -7.29 19.45
C THR A 242 -11.09 -7.25 20.96
N GLY A 243 -12.37 -7.26 21.32
CA GLY A 243 -12.76 -7.25 22.71
C GLY A 243 -12.84 -5.88 23.37
N GLU A 244 -12.29 -4.84 22.74
CA GLU A 244 -12.34 -3.50 23.30
C GLU A 244 -13.63 -2.79 22.89
N LYS A 245 -13.92 -1.69 23.58
CA LYS A 245 -15.15 -0.94 23.33
C LYS A 245 -15.04 -0.07 22.08
N CYS A 246 -16.12 -0.02 21.30
CA CYS A 246 -16.20 0.85 20.14
C CYS A 246 -16.33 2.31 20.59
N SER A 247 -15.96 3.23 19.70
CA SER A 247 -16.06 4.64 20.02
C SER A 247 -17.51 5.11 20.03
N ARG A 248 -18.32 4.61 19.09
CA ARG A 248 -19.78 4.66 19.22
C ARG A 248 -20.13 3.58 20.25
N CYS A 249 -20.27 4.00 21.50
CA CYS A 249 -19.98 3.16 22.66
C CYS A 249 -21.02 2.06 22.85
N GLY A 250 -20.85 1.33 23.95
CA GLY A 250 -21.67 0.18 24.27
C GLY A 250 -20.99 -1.13 23.96
N ALA A 251 -20.72 -1.37 22.67
CA ALA A 251 -20.36 -2.71 22.21
C ALA A 251 -18.87 -2.95 22.28
N GLU A 252 -18.50 -4.22 22.21
CA GLU A 252 -17.13 -4.64 22.05
C GLU A 252 -16.86 -4.96 20.58
N ILE A 253 -15.64 -4.70 20.16
CA ILE A 253 -15.23 -5.01 18.80
C ILE A 253 -15.10 -6.51 18.65
N GLN A 254 -15.75 -7.07 17.63
CA GLN A 254 -15.69 -8.49 17.31
CA GLN A 254 -15.67 -8.49 17.33
C GLN A 254 -14.71 -8.72 16.17
N LYS A 255 -14.16 -9.94 16.12
CA LYS A 255 -13.28 -10.35 15.04
C LYS A 255 -13.85 -11.61 14.40
N ILE A 256 -14.05 -11.57 13.09
CA ILE A 256 -14.52 -12.71 12.32
C ILE A 256 -13.56 -12.91 11.14
N LYS A 257 -13.79 -13.97 10.36
CA LYS A 257 -13.04 -14.19 9.13
C LYS A 257 -13.94 -13.91 7.93
N VAL A 258 -13.46 -13.05 7.04
CA VAL A 258 -14.19 -12.68 5.82
C VAL A 258 -13.23 -12.82 4.65
N ALA A 259 -13.55 -13.72 3.72
CA ALA A 259 -12.71 -14.00 2.56
C ALA A 259 -11.28 -14.31 3.00
N GLY A 260 -11.16 -15.08 4.09
CA GLY A 260 -9.88 -15.49 4.62
C GLY A 260 -9.11 -14.43 5.38
N ARG A 261 -9.68 -13.24 5.59
CA ARG A 261 -8.97 -12.17 6.28
C ARG A 261 -9.58 -11.96 7.66
N GLY A 262 -8.72 -11.71 8.64
CA GLY A 262 -9.19 -11.28 9.95
C GLY A 262 -9.96 -9.99 9.81
N THR A 263 -11.13 -9.89 10.45
CA THR A 263 -12.03 -8.78 10.16
C THR A 263 -12.57 -8.21 11.46
N HIS A 264 -12.28 -6.95 11.72
CA HIS A 264 -12.64 -6.31 12.97
C HIS A 264 -13.79 -5.33 12.71
N PHE A 265 -14.88 -5.48 13.45
CA PHE A 265 -16.02 -4.62 13.22
C PHE A 265 -16.86 -4.56 14.49
N CYS A 266 -17.76 -3.57 14.52
CA CYS A 266 -18.62 -3.27 15.65
C CYS A 266 -20.04 -3.63 15.27
N PRO A 267 -20.55 -4.80 15.70
CA PRO A 267 -21.86 -5.28 15.21
C PRO A 267 -23.02 -4.29 15.28
N VAL A 268 -23.19 -3.53 16.37
CA VAL A 268 -24.33 -2.62 16.44
C VAL A 268 -24.23 -1.54 15.39
N CYS A 269 -23.02 -1.00 15.18
CA CYS A 269 -22.80 0.08 14.23
C CYS A 269 -22.83 -0.39 12.80
N GLN A 270 -22.64 -1.69 12.56
CA GLN A 270 -22.44 -2.21 11.21
C GLN A 270 -23.40 -3.37 10.93
N GLN A 271 -24.69 -3.16 11.18
CA GLN A 271 -25.67 -4.16 10.76
C GLN A 271 -25.85 -4.10 9.25
N LYS A 272 -26.12 -5.26 8.66
CA LYS A 272 -26.47 -5.33 7.25
C LYS A 272 -27.79 -4.58 6.99
#